data_2VN4
#
_entry.id   2VN4
#
_cell.length_a   52.185
_cell.length_b   99.232
_cell.length_c   121.240
_cell.angle_alpha   90.00
_cell.angle_beta   90.00
_cell.angle_gamma   90.00
#
_symmetry.space_group_name_H-M   'P 21 21 21'
#
loop_
_entity.id
_entity.type
_entity.pdbx_description
1 polymer GLUCOAMYLASE
2 branched 2-acetamido-2-deoxy-beta-D-glucopyranose-(1-4)-2-acetamido-2-deoxy-beta-D-glucopyranose
3 non-polymer alpha-D-mannopyranose
4 non-polymer 2-acetamido-2-deoxy-beta-D-glucopyranose
5 non-polymer 2-[BIS-(2-HYDROXY-ETHYL)-AMINO]-2-HYDROXYMETHYL-PROPANE-1,3-DIOL
6 water water
#
_entity_poly.entity_id   1
_entity_poly.type   'polypeptide(L)'
_entity_poly.pdbx_seq_one_letter_code
;SVDDFISTETPIALNNLLCNVGPDGCRAFGTSAGAVIASPSTIDPDYYYMWTRDSALVFKNLIDRFTETYDAGLQRRIEQ
YITAQVTLQGLSNPSGSLADGSGLGEPKFELTLKPFTGNWGRPQRDGPALRAIALIGYSKWLINNNYQSTVSNVIWPIVR
NDLNYVAQYWNQTGFDLWEEVNGSSFFTVANQHRALVEGATLAATLGQSGSAYSSVAPQVLCFLQRFWVSSGGYVDSNIN
TNEGRTGKDVNSVLTSIHTFDPNLGCDAGTFQPCSDKALSNLKVVVDSFRSIYGVNKGIPAGAAVAIGRYAEDVYYNGNP
WYLATFAAAEQLYDAIYVWKKTGSITVTATSLAFFQELVPGVTAGTYSSSSSTFTNIINAVSTYADGFLSEAAKYVPADG
SLAEQFDRNSGTPLSALHLTWSYASFLTATARRAGIVPPSWANSSASTIPSTCSGASVVGSYSRPTATSFPPSQTPKPGV
PSGTPYTPLPCATPTSVAVTFHELVSTQFGQTVKVAGNAAALGNWSTSAAVALDAVNYADNHPLWIGTVNLEAGDVVEYK
YINVGQDGSVTWESDPNHTYTVPAVACVTQVVKEDTWQS
;
_entity_poly.pdbx_strand_id   A
#
# COMPACT_ATOMS: atom_id res chain seq x y z
N SER A 1 -11.93 23.47 11.52
CA SER A 1 -12.82 22.27 11.51
C SER A 1 -12.19 21.14 10.73
N VAL A 2 -12.66 19.91 10.98
CA VAL A 2 -12.28 18.74 10.19
C VAL A 2 -12.54 18.98 8.70
N ASP A 3 -13.70 19.58 8.41
CA ASP A 3 -14.09 19.86 7.03
C ASP A 3 -13.08 20.75 6.32
N ASP A 4 -12.59 21.76 7.04
CA ASP A 4 -11.55 22.65 6.54
C ASP A 4 -10.25 21.90 6.19
N PHE A 5 -9.83 21.01 7.08
CA PHE A 5 -8.64 20.18 6.84
C PHE A 5 -8.82 19.29 5.62
N ILE A 6 -9.99 18.67 5.50
CA ILE A 6 -10.27 17.76 4.38
C ILE A 6 -10.24 18.51 3.05
N SER A 7 -10.86 19.69 3.02
CA SER A 7 -10.92 20.45 1.78
C SER A 7 -9.51 20.94 1.35
N THR A 8 -8.69 21.33 2.32
CA THR A 8 -7.33 21.79 2.04
C THR A 8 -6.38 20.65 1.69
N GLU A 9 -6.48 19.55 2.44
CA GLU A 9 -5.53 18.44 2.28
C GLU A 9 -5.78 17.58 1.05
N THR A 10 -7.03 17.48 0.60
CA THR A 10 -7.39 16.60 -0.50
C THR A 10 -6.58 16.82 -1.80
N PRO A 11 -6.56 18.06 -2.36
CA PRO A 11 -5.76 18.21 -3.58
C PRO A 11 -4.26 17.99 -3.37
N ILE A 12 -3.75 18.31 -2.18
CA ILE A 12 -2.35 18.07 -1.86
C ILE A 12 -2.04 16.56 -1.80
N ALA A 13 -2.90 15.79 -1.11
CA ALA A 13 -2.74 14.33 -0.98
C ALA A 13 -2.81 13.64 -2.35
N LEU A 14 -3.77 14.04 -3.17
CA LEU A 14 -3.89 13.44 -4.48
C LEU A 14 -2.66 13.77 -5.34
N ASN A 15 -2.22 15.02 -5.28
CA ASN A 15 -1.03 15.48 -6.02
C ASN A 15 0.21 14.71 -5.59
N ASN A 16 0.37 14.59 -4.28
CA ASN A 16 1.58 13.98 -3.74
C ASN A 16 1.59 12.48 -3.97
N LEU A 17 0.41 11.87 -3.94
CA LEU A 17 0.28 10.45 -4.30
C LEU A 17 0.76 10.22 -5.73
N LEU A 18 0.22 11.01 -6.66
CA LEU A 18 0.55 10.87 -8.08
C LEU A 18 1.99 11.30 -8.43
N CYS A 19 2.58 12.18 -7.63
CA CYS A 19 4.02 12.49 -7.71
C CYS A 19 4.92 11.26 -7.52
N ASN A 20 4.36 10.22 -6.89
CA ASN A 20 5.15 9.00 -6.57
C ASN A 20 4.95 7.89 -7.60
N VAL A 21 4.28 8.21 -8.71
CA VAL A 21 3.99 7.21 -9.74
C VAL A 21 4.82 7.52 -10.98
N GLY A 22 5.57 6.55 -11.48
CA GLY A 22 6.41 6.77 -12.68
C GLY A 22 5.58 6.72 -13.97
N PRO A 23 6.13 7.24 -15.09
CA PRO A 23 7.48 7.74 -15.22
C PRO A 23 7.58 9.25 -14.99
N ASP A 24 6.44 9.89 -14.79
CA ASP A 24 6.41 11.35 -14.81
C ASP A 24 6.00 12.04 -13.50
N GLY A 25 5.74 11.27 -12.45
CA GLY A 25 5.35 11.89 -11.17
C GLY A 25 6.48 12.79 -10.70
N CYS A 26 6.14 13.89 -10.03
CA CYS A 26 7.13 14.92 -9.67
C CYS A 26 8.25 14.43 -8.73
N ARG A 27 8.02 13.33 -8.01
CA ARG A 27 9.06 12.78 -7.11
C ARG A 27 9.52 11.38 -7.53
N ALA A 28 9.02 10.90 -8.67
CA ALA A 28 9.39 9.60 -9.24
C ALA A 28 9.77 9.76 -10.70
N PHE A 29 10.30 10.93 -11.04
CA PHE A 29 10.54 11.25 -12.44
C PHE A 29 11.66 10.38 -13.01
N GLY A 30 11.40 9.72 -14.13
CA GLY A 30 12.41 8.89 -14.77
C GLY A 30 12.44 7.45 -14.27
N THR A 31 11.56 7.12 -13.30
CA THR A 31 11.36 5.71 -12.95
C THR A 31 10.60 5.02 -14.08
N SER A 32 10.55 3.69 -14.05
CA SER A 32 9.83 2.92 -15.07
C SER A 32 8.36 3.33 -15.12
N ALA A 33 7.79 3.36 -16.32
CA ALA A 33 6.35 3.60 -16.46
C ALA A 33 5.54 2.62 -15.62
N GLY A 34 4.60 3.14 -14.85
CA GLY A 34 3.74 2.34 -13.99
C GLY A 34 4.35 1.94 -12.66
N ALA A 35 5.60 2.34 -12.40
CA ALA A 35 6.22 2.03 -11.10
C ALA A 35 5.67 2.95 -10.01
N VAL A 36 5.61 2.47 -8.77
CA VAL A 36 5.20 3.30 -7.65
C VAL A 36 6.32 3.23 -6.63
N ILE A 37 6.88 4.38 -6.25
CA ILE A 37 7.87 4.40 -5.20
C ILE A 37 7.13 4.37 -3.87
N ALA A 38 7.65 3.64 -2.90
CA ALA A 38 7.04 3.69 -1.57
C ALA A 38 7.20 5.11 -0.96
N SER A 39 8.31 5.77 -1.27
CA SER A 39 8.66 7.11 -0.77
C SER A 39 9.90 7.52 -1.55
N PRO A 40 10.11 8.83 -1.76
CA PRO A 40 11.32 9.35 -2.41
C PRO A 40 12.55 9.33 -1.50
N SER A 41 12.39 8.92 -0.24
CA SER A 41 13.50 8.85 0.68
C SER A 41 14.52 7.80 0.21
N THR A 42 15.79 8.20 0.07
CA THR A 42 16.84 7.30 -0.42
C THR A 42 17.87 6.96 0.68
N ILE A 43 17.88 7.74 1.76
CA ILE A 43 18.80 7.54 2.87
C ILE A 43 18.06 7.80 4.17
N ASP A 44 18.20 6.88 5.13
CA ASP A 44 17.59 6.98 6.46
CA ASP A 44 17.61 7.03 6.46
C ASP A 44 16.13 7.48 6.46
N PRO A 45 15.21 6.63 5.96
CA PRO A 45 15.46 5.30 5.43
C PRO A 45 15.56 5.27 3.91
N ASP A 46 15.98 4.14 3.37
CA ASP A 46 16.00 3.95 1.93
C ASP A 46 14.71 3.23 1.55
N TYR A 47 13.69 3.98 1.11
CA TYR A 47 12.43 3.37 0.67
C TYR A 47 12.25 3.46 -0.84
N TYR A 48 13.34 3.71 -1.55
CA TYR A 48 13.27 3.96 -2.97
C TYR A 48 13.24 2.65 -3.75
N TYR A 49 12.11 1.95 -3.61
CA TYR A 49 11.85 0.65 -4.22
C TYR A 49 10.37 0.61 -4.51
N MET A 50 9.97 -0.39 -5.30
CA MET A 50 8.57 -0.66 -5.57
C MET A 50 8.14 -1.90 -4.81
N TRP A 51 7.22 -1.73 -3.87
CA TRP A 51 6.64 -2.85 -3.17
C TRP A 51 5.37 -3.30 -3.88
N THR A 52 5.16 -4.62 -3.98
CA THR A 52 3.91 -5.13 -4.55
C THR A 52 2.71 -4.64 -3.71
N ARG A 53 2.83 -4.72 -2.39
CA ARG A 53 1.73 -4.33 -1.51
C ARG A 53 1.36 -2.85 -1.64
N ASP A 54 2.31 -1.95 -1.38
CA ASP A 54 2.01 -0.51 -1.44
C ASP A 54 1.44 -0.13 -2.80
N SER A 55 2.04 -0.68 -3.87
CA SER A 55 1.62 -0.33 -5.24
C SER A 55 0.18 -0.76 -5.51
N ALA A 56 -0.16 -1.95 -5.05
CA ALA A 56 -1.51 -2.50 -5.25
C ALA A 56 -2.56 -1.75 -4.41
N LEU A 57 -2.21 -1.38 -3.19
CA LEU A 57 -3.15 -0.64 -2.33
C LEU A 57 -3.41 0.74 -2.89
N VAL A 58 -2.34 1.38 -3.37
CA VAL A 58 -2.44 2.69 -3.99
C VAL A 58 -3.27 2.63 -5.27
N PHE A 59 -2.98 1.66 -6.14
CA PHE A 59 -3.76 1.58 -7.38
C PHE A 59 -5.20 1.14 -7.20
N LYS A 60 -5.48 0.35 -6.17
CA LYS A 60 -6.88 0.04 -5.85
C LYS A 60 -7.63 1.35 -5.57
N ASN A 61 -7.03 2.21 -4.75
CA ASN A 61 -7.61 3.53 -4.49
C ASN A 61 -7.86 4.32 -5.79
N LEU A 62 -6.84 4.41 -6.65
CA LEU A 62 -6.97 5.13 -7.92
C LEU A 62 -8.03 4.52 -8.82
N ILE A 63 -8.09 3.19 -8.87
CA ILE A 63 -9.09 2.51 -9.70
C ILE A 63 -10.50 2.78 -9.19
N ASP A 64 -10.66 2.80 -7.87
CA ASP A 64 -11.95 3.14 -7.25
C ASP A 64 -12.37 4.58 -7.58
N ARG A 65 -11.43 5.52 -7.48
N ARG A 65 -11.43 5.51 -7.52
CA ARG A 65 -11.67 6.92 -7.86
CA ARG A 65 -11.71 6.93 -7.85
C ARG A 65 -12.11 7.00 -9.32
C ARG A 65 -12.03 7.10 -9.34
N PHE A 66 -11.31 6.38 -10.17
CA PHE A 66 -11.55 6.35 -11.61
C PHE A 66 -12.92 5.75 -11.97
N THR A 67 -13.34 4.75 -11.19
CA THR A 67 -14.63 4.10 -11.41
C THR A 67 -15.79 5.06 -11.11
N GLU A 68 -15.59 5.94 -10.13
CA GLU A 68 -16.60 6.92 -9.75
C GLU A 68 -16.76 8.00 -10.83
N THR A 69 -15.63 8.48 -11.35
CA THR A 69 -15.64 9.49 -12.39
C THR A 69 -14.48 9.24 -13.32
N TYR A 70 -14.78 8.94 -14.58
CA TYR A 70 -13.76 8.71 -15.59
C TYR A 70 -12.77 9.87 -15.69
N ASP A 71 -11.50 9.49 -15.77
CA ASP A 71 -10.38 10.41 -15.83
C ASP A 71 -9.36 9.70 -16.70
N ALA A 72 -9.14 10.25 -17.90
CA ALA A 72 -8.23 9.64 -18.88
C ALA A 72 -6.78 9.68 -18.41
N GLY A 73 -6.45 10.67 -17.59
CA GLY A 73 -5.14 10.78 -16.96
C GLY A 73 -4.87 9.65 -15.96
N LEU A 74 -5.89 9.28 -15.17
CA LEU A 74 -5.76 8.13 -14.27
C LEU A 74 -5.70 6.85 -15.08
N GLN A 75 -6.55 6.76 -16.11
CA GLN A 75 -6.56 5.56 -16.95
C GLN A 75 -5.17 5.27 -17.51
N ARG A 76 -4.46 6.30 -17.97
CA ARG A 76 -3.14 6.12 -18.53
C ARG A 76 -2.23 5.46 -17.48
N ARG A 77 -2.25 5.99 -16.27
CA ARG A 77 -1.41 5.47 -15.17
C ARG A 77 -1.77 4.04 -14.79
N ILE A 78 -3.06 3.77 -14.71
CA ILE A 78 -3.57 2.42 -14.42
C ILE A 78 -3.07 1.42 -15.47
N GLU A 79 -3.18 1.78 -16.75
CA GLU A 79 -2.72 0.91 -17.83
C GLU A 79 -1.24 0.61 -17.69
N GLN A 80 -0.43 1.62 -17.37
CA GLN A 80 1.02 1.45 -17.27
C GLN A 80 1.40 0.60 -16.06
N TYR A 81 0.71 0.81 -14.96
CA TYR A 81 0.87 -0.05 -13.78
C TYR A 81 0.61 -1.51 -14.13
N ILE A 82 -0.47 -1.76 -14.85
CA ILE A 82 -0.84 -3.14 -15.20
C ILE A 82 0.22 -3.78 -16.11
N THR A 83 0.67 -3.05 -17.12
CA THR A 83 1.66 -3.60 -18.03
C THR A 83 3.01 -3.80 -17.36
N ALA A 84 3.35 -2.95 -16.38
CA ALA A 84 4.56 -3.15 -15.57
C ALA A 84 4.57 -4.53 -14.88
N GLN A 85 3.39 -5.06 -14.58
CA GLN A 85 3.29 -6.35 -13.88
C GLN A 85 3.68 -7.52 -14.76
N VAL A 86 3.57 -7.31 -16.07
CA VAL A 86 4.00 -8.30 -17.05
C VAL A 86 5.51 -8.55 -16.85
N THR A 87 6.27 -7.47 -16.77
CA THR A 87 7.71 -7.52 -16.54
C THR A 87 8.03 -8.15 -15.19
N LEU A 88 7.36 -7.68 -14.15
CA LEU A 88 7.62 -8.14 -12.79
C LEU A 88 7.33 -9.61 -12.57
N GLN A 89 6.18 -10.11 -13.06
CA GLN A 89 5.85 -11.53 -12.89
C GLN A 89 6.88 -12.45 -13.55
N GLY A 90 7.43 -12.01 -14.67
CA GLY A 90 8.42 -12.81 -15.39
C GLY A 90 9.77 -12.96 -14.71
N LEU A 91 10.05 -12.10 -13.72
CA LEU A 91 11.38 -12.00 -13.10
C LEU A 91 11.72 -13.21 -12.24
N SER A 92 12.91 -13.76 -12.44
CA SER A 92 13.47 -14.66 -11.43
C SER A 92 14.09 -13.77 -10.35
N ASN A 93 13.82 -14.09 -9.09
CA ASN A 93 14.25 -13.24 -7.99
C ASN A 93 14.54 -14.11 -6.78
N PRO A 94 15.08 -13.52 -5.67
CA PRO A 94 15.41 -14.37 -4.51
C PRO A 94 14.29 -15.21 -3.90
N SER A 95 13.01 -14.88 -4.15
CA SER A 95 11.91 -15.74 -3.69
C SER A 95 11.71 -16.96 -4.61
N GLY A 96 12.19 -16.87 -5.85
CA GLY A 96 12.03 -17.96 -6.82
C GLY A 96 11.72 -17.44 -8.21
N SER A 97 11.07 -18.26 -9.04
CA SER A 97 10.80 -17.86 -10.41
C SER A 97 9.33 -18.05 -10.71
N LEU A 98 8.93 -17.70 -11.93
CA LEU A 98 7.54 -17.84 -12.35
C LEU A 98 7.14 -19.31 -12.53
N ALA A 99 8.11 -20.15 -12.88
CA ALA A 99 7.86 -21.55 -13.24
C ALA A 99 6.99 -22.30 -12.24
N ASP A 100 7.28 -22.18 -10.95
CA ASP A 100 6.45 -22.81 -9.91
C ASP A 100 5.66 -21.78 -9.08
N GLY A 101 5.61 -20.55 -9.57
CA GLY A 101 4.87 -19.49 -8.93
C GLY A 101 5.59 -18.80 -7.78
N SER A 102 6.66 -19.41 -7.26
CA SER A 102 7.28 -18.94 -6.02
C SER A 102 7.81 -17.50 -6.11
N GLY A 103 8.29 -17.10 -7.29
CA GLY A 103 8.80 -15.73 -7.48
C GLY A 103 7.78 -14.61 -7.22
N LEU A 104 6.49 -14.93 -7.32
CA LEU A 104 5.43 -13.93 -7.16
C LEU A 104 5.29 -13.41 -5.72
N GLY A 105 5.86 -14.16 -4.76
CA GLY A 105 5.86 -13.80 -3.33
C GLY A 105 6.91 -12.75 -2.94
N GLU A 106 7.72 -12.31 -3.91
CA GLU A 106 8.79 -11.35 -3.66
C GLU A 106 8.18 -10.00 -3.27
N PRO A 107 8.57 -9.43 -2.11
CA PRO A 107 7.99 -8.18 -1.61
C PRO A 107 8.30 -6.91 -2.40
N LYS A 108 9.53 -6.74 -2.86
CA LYS A 108 9.92 -5.45 -3.45
C LYS A 108 10.91 -5.62 -4.58
N PHE A 109 10.96 -4.60 -5.43
CA PHE A 109 11.81 -4.61 -6.63
C PHE A 109 12.49 -3.27 -6.80
N GLU A 110 13.53 -3.25 -7.62
CA GLU A 110 14.14 -1.98 -8.00
C GLU A 110 13.19 -1.25 -8.96
N LEU A 111 13.27 0.08 -8.96
CA LEU A 111 12.38 0.90 -9.80
C LEU A 111 12.71 0.86 -11.30
N THR A 112 13.83 0.23 -11.63
CA THR A 112 14.14 -0.18 -13.01
C THR A 112 13.39 -1.47 -13.40
N LEU A 113 12.56 -1.99 -12.48
CA LEU A 113 11.84 -3.26 -12.64
C LEU A 113 12.80 -4.45 -12.76
N LYS A 114 13.80 -4.46 -11.88
CA LYS A 114 14.75 -5.56 -11.76
C LYS A 114 14.70 -6.08 -10.33
N PRO A 115 15.18 -7.32 -10.10
CA PRO A 115 15.06 -7.90 -8.77
C PRO A 115 15.91 -7.15 -7.74
N PHE A 116 15.39 -7.08 -6.51
CA PHE A 116 16.14 -6.63 -5.36
C PHE A 116 16.88 -7.83 -4.78
N THR A 117 18.22 -7.75 -4.78
CA THR A 117 19.06 -8.90 -4.45
C THR A 117 19.49 -8.99 -2.98
N GLY A 118 19.17 -7.96 -2.20
CA GLY A 118 19.59 -7.93 -0.79
C GLY A 118 18.78 -8.90 0.07
N ASN A 119 19.20 -9.05 1.33
CA ASN A 119 18.43 -9.84 2.30
C ASN A 119 17.17 -9.08 2.67
N TRP A 120 16.09 -9.81 2.88
CA TRP A 120 14.82 -9.15 3.17
C TRP A 120 13.87 -10.20 3.77
N GLY A 121 12.83 -9.75 4.46
CA GLY A 121 11.77 -10.65 4.93
C GLY A 121 10.90 -11.12 3.77
N ARG A 122 11.29 -12.24 3.16
CA ARG A 122 10.59 -12.82 2.01
C ARG A 122 10.26 -14.30 2.30
N PRO A 123 9.17 -14.83 1.71
CA PRO A 123 8.23 -14.13 0.84
C PRO A 123 7.18 -13.40 1.69
N GLN A 124 6.37 -12.58 1.03
CA GLN A 124 5.20 -11.97 1.65
C GLN A 124 4.05 -12.33 0.73
N ARG A 125 3.13 -13.17 1.22
CA ARG A 125 2.15 -13.83 0.37
C ARG A 125 0.87 -13.02 0.19
N ASP A 126 0.83 -11.83 0.77
CA ASP A 126 -0.27 -10.89 0.52
C ASP A 126 -0.16 -10.23 -0.85
N GLY A 127 1.08 -10.09 -1.35
CA GLY A 127 1.32 -9.33 -2.59
C GLY A 127 0.47 -9.76 -3.78
N PRO A 128 0.57 -11.04 -4.18
CA PRO A 128 -0.26 -11.51 -5.29
C PRO A 128 -1.77 -11.33 -5.07
N ALA A 129 -2.24 -11.50 -3.83
CA ALA A 129 -3.66 -11.27 -3.53
C ALA A 129 -4.07 -9.81 -3.79
N LEU A 130 -3.27 -8.87 -3.28
CA LEU A 130 -3.58 -7.45 -3.43
C LEU A 130 -3.47 -6.99 -4.89
N ARG A 131 -2.46 -7.48 -5.60
CA ARG A 131 -2.34 -7.16 -7.02
C ARG A 131 -3.54 -7.70 -7.82
N ALA A 132 -3.97 -8.93 -7.54
CA ALA A 132 -5.15 -9.52 -8.22
C ALA A 132 -6.38 -8.65 -7.97
N ILE A 133 -6.57 -8.26 -6.71
CA ILE A 133 -7.72 -7.44 -6.34
C ILE A 133 -7.74 -6.12 -7.14
N ALA A 134 -6.59 -5.47 -7.30
CA ALA A 134 -6.52 -4.23 -8.07
C ALA A 134 -6.87 -4.48 -9.54
N LEU A 135 -6.26 -5.50 -10.14
CA LEU A 135 -6.48 -5.77 -11.55
C LEU A 135 -7.91 -6.22 -11.82
N ILE A 136 -8.49 -7.00 -10.90
CA ILE A 136 -9.91 -7.39 -11.00
C ILE A 136 -10.79 -6.15 -10.91
N GLY A 137 -10.42 -5.21 -10.04
CA GLY A 137 -11.11 -3.92 -9.96
C GLY A 137 -11.20 -3.23 -11.29
N TYR A 138 -10.07 -3.10 -11.98
CA TYR A 138 -10.07 -2.45 -13.28
C TYR A 138 -10.85 -3.28 -14.33
N SER A 139 -10.70 -4.59 -14.27
CA SER A 139 -11.42 -5.52 -15.15
C SER A 139 -12.94 -5.29 -15.08
N LYS A 140 -13.46 -5.13 -13.87
CA LYS A 140 -14.89 -4.81 -13.68
C LYS A 140 -15.31 -3.61 -14.51
N TRP A 141 -14.51 -2.55 -14.46
CA TRP A 141 -14.80 -1.35 -15.23
C TRP A 141 -14.80 -1.63 -16.73
N LEU A 142 -13.75 -2.30 -17.22
CA LEU A 142 -13.66 -2.64 -18.63
C LEU A 142 -14.88 -3.45 -19.09
N ILE A 143 -15.25 -4.47 -18.33
CA ILE A 143 -16.42 -5.28 -18.65
C ILE A 143 -17.71 -4.44 -18.73
N ASN A 144 -17.94 -3.59 -17.73
CA ASN A 144 -19.13 -2.75 -17.72
C ASN A 144 -19.16 -1.77 -18.90
N ASN A 145 -18.00 -1.49 -19.49
CA ASN A 145 -17.94 -0.56 -20.60
C ASN A 145 -17.66 -1.21 -21.96
N ASN A 146 -17.95 -2.51 -22.03
CA ASN A 146 -17.92 -3.31 -23.25
C ASN A 146 -16.53 -3.55 -23.81
N TYR A 147 -15.56 -3.72 -22.90
CA TYR A 147 -14.19 -4.00 -23.30
C TYR A 147 -13.74 -5.32 -22.71
N GLN A 148 -14.65 -6.30 -22.65
CA GLN A 148 -14.37 -7.61 -22.08
C GLN A 148 -13.17 -8.31 -22.74
N SER A 149 -13.01 -8.18 -24.11
CA SER A 149 -11.89 -8.74 -24.90
C SER A 149 -10.52 -8.34 -24.34
N THR A 150 -10.42 -6.99 -23.86
CA THR A 150 -9.19 -6.44 -23.29
C THR A 150 -8.84 -7.17 -22.00
N VAL A 151 -9.86 -7.45 -21.19
CA VAL A 151 -9.70 -8.24 -19.97
C VAL A 151 -9.12 -9.63 -20.31
N SER A 152 -9.78 -10.35 -21.21
CA SER A 152 -9.35 -11.70 -21.57
C SER A 152 -7.92 -11.73 -22.10
N ASN A 153 -7.57 -10.74 -22.91
CA ASN A 153 -6.29 -10.78 -23.60
C ASN A 153 -5.13 -10.20 -22.81
N VAL A 154 -5.36 -9.08 -22.13
CA VAL A 154 -4.27 -8.38 -21.44
C VAL A 154 -4.19 -8.70 -19.94
N ILE A 155 -5.34 -8.68 -19.26
CA ILE A 155 -5.37 -8.69 -17.80
C ILE A 155 -5.43 -10.10 -17.19
N TRP A 156 -6.32 -10.94 -17.73
CA TRP A 156 -6.54 -12.27 -17.15
C TRP A 156 -5.28 -13.15 -16.97
N PRO A 157 -4.36 -13.16 -17.96
CA PRO A 157 -3.14 -13.96 -17.75
C PRO A 157 -2.32 -13.49 -16.53
N ILE A 158 -2.34 -12.19 -16.25
CA ILE A 158 -1.62 -11.65 -15.10
C ILE A 158 -2.33 -12.11 -13.84
N VAL A 159 -3.64 -11.85 -13.80
CA VAL A 159 -4.48 -12.19 -12.66
C VAL A 159 -4.42 -13.68 -12.37
N ARG A 160 -4.50 -14.50 -13.44
CA ARG A 160 -4.48 -15.94 -13.26
C ARG A 160 -3.22 -16.43 -12.54
N ASN A 161 -2.06 -15.88 -12.87
CA ASN A 161 -0.83 -16.24 -12.12
C ASN A 161 -0.91 -15.92 -10.62
N ASP A 162 -1.40 -14.72 -10.30
CA ASP A 162 -1.55 -14.31 -8.90
C ASP A 162 -2.56 -15.16 -8.12
N LEU A 163 -3.70 -15.43 -8.75
CA LEU A 163 -4.71 -16.30 -8.16
C LEU A 163 -4.21 -17.74 -7.94
N ASN A 164 -3.47 -18.27 -8.92
CA ASN A 164 -2.90 -19.61 -8.78
C ASN A 164 -1.93 -19.66 -7.63
N TYR A 165 -1.14 -18.59 -7.49
CA TYR A 165 -0.23 -18.48 -6.35
C TYR A 165 -0.97 -18.59 -5.02
N VAL A 166 -2.05 -17.82 -4.87
CA VAL A 166 -2.85 -17.82 -3.64
C VAL A 166 -3.43 -19.19 -3.34
N ALA A 167 -4.02 -19.81 -4.37
CA ALA A 167 -4.62 -21.15 -4.24
C ALA A 167 -3.58 -22.21 -3.85
N GLN A 168 -2.35 -22.02 -4.30
CA GLN A 168 -1.25 -22.97 -4.03
C GLN A 168 -0.54 -22.75 -2.69
N TYR A 169 -0.29 -21.48 -2.35
CA TYR A 169 0.62 -21.16 -1.24
C TYR A 169 0.00 -20.52 0.02
N TRP A 170 -1.33 -20.35 0.06
CA TRP A 170 -1.98 -19.68 1.20
C TRP A 170 -1.70 -20.37 2.54
N ASN A 171 -1.58 -21.70 2.51
CA ASN A 171 -1.44 -22.46 3.74
C ASN A 171 0.03 -22.61 4.16
N GLN A 172 0.83 -21.62 3.80
CA GLN A 172 2.27 -21.58 4.11
CA GLN A 172 2.25 -21.60 4.14
C GLN A 172 2.62 -20.29 4.84
N THR A 173 3.57 -20.36 5.78
CA THR A 173 3.99 -19.17 6.52
C THR A 173 4.75 -18.21 5.63
N GLY A 174 4.85 -16.97 6.06
CA GLY A 174 5.66 -15.97 5.35
C GLY A 174 5.66 -14.73 6.22
N PHE A 175 6.24 -13.65 5.69
CA PHE A 175 6.29 -12.40 6.45
C PHE A 175 5.01 -11.58 6.37
N ASP A 176 4.71 -10.87 7.46
CA ASP A 176 3.52 -10.04 7.58
C ASP A 176 3.72 -8.73 6.82
N LEU A 177 2.68 -7.89 6.80
CA LEU A 177 2.71 -6.63 6.04
C LEU A 177 3.76 -5.63 6.59
N TRP A 178 4.16 -5.79 7.86
CA TRP A 178 5.25 -4.98 8.43
C TRP A 178 6.65 -5.54 8.17
N GLU A 179 6.70 -6.71 7.54
CA GLU A 179 7.92 -7.33 7.02
C GLU A 179 8.83 -7.79 8.14
N GLU A 180 8.24 -8.22 9.26
CA GLU A 180 8.98 -8.52 10.48
C GLU A 180 8.72 -9.92 11.03
N VAL A 181 7.48 -10.39 10.91
CA VAL A 181 7.03 -11.60 11.62
C VAL A 181 6.75 -12.70 10.62
N ASN A 182 7.49 -13.80 10.74
CA ASN A 182 7.30 -14.95 9.84
C ASN A 182 6.28 -15.90 10.46
N GLY A 183 5.09 -15.97 9.88
CA GLY A 183 4.02 -16.78 10.44
C GLY A 183 2.82 -16.75 9.54
N SER A 184 1.62 -16.80 10.14
CA SER A 184 0.36 -16.66 9.41
C SER A 184 -0.27 -15.35 9.87
N SER A 185 -0.59 -14.47 8.93
CA SER A 185 -0.95 -13.11 9.29
C SER A 185 -2.37 -12.79 8.84
N PHE A 186 -3.14 -12.17 9.73
CA PHE A 186 -4.55 -11.86 9.51
C PHE A 186 -4.80 -11.12 8.19
N PHE A 187 -4.14 -9.97 8.01
CA PHE A 187 -4.27 -9.15 6.80
C PHE A 187 -4.01 -9.98 5.54
N THR A 188 -3.02 -10.87 5.59
CA THR A 188 -2.62 -11.67 4.43
C THR A 188 -3.70 -12.70 4.09
N VAL A 189 -4.14 -13.46 5.09
CA VAL A 189 -5.18 -14.50 4.92
C VAL A 189 -6.49 -13.87 4.42
N ALA A 190 -6.91 -12.75 5.03
CA ALA A 190 -8.19 -12.15 4.71
C ALA A 190 -8.21 -11.66 3.28
N ASN A 191 -7.10 -11.07 2.86
CA ASN A 191 -6.98 -10.59 1.48
C ASN A 191 -6.85 -11.73 0.46
N GLN A 192 -6.21 -12.81 0.88
CA GLN A 192 -6.15 -14.04 0.08
C GLN A 192 -7.57 -14.60 -0.14
N HIS A 193 -8.38 -14.60 0.91
CA HIS A 193 -9.77 -15.03 0.80
C HIS A 193 -10.54 -14.16 -0.19
N ARG A 194 -10.45 -12.84 -0.04
CA ARG A 194 -11.11 -11.93 -0.96
C ARG A 194 -10.68 -12.14 -2.42
N ALA A 195 -9.37 -12.29 -2.64
CA ALA A 195 -8.84 -12.47 -3.99
C ALA A 195 -9.43 -13.69 -4.68
N LEU A 196 -9.51 -14.81 -3.95
CA LEU A 196 -10.04 -16.07 -4.50
C LEU A 196 -11.52 -15.92 -4.86
N VAL A 197 -12.27 -15.24 -4.00
CA VAL A 197 -13.69 -15.01 -4.26
C VAL A 197 -13.92 -14.15 -5.52
N GLU A 198 -13.22 -13.02 -5.62
CA GLU A 198 -13.35 -12.17 -6.80
C GLU A 198 -12.83 -12.84 -8.06
N GLY A 199 -11.80 -13.67 -7.89
CA GLY A 199 -11.18 -14.39 -9.00
C GLY A 199 -12.16 -15.40 -9.62
N ALA A 200 -12.81 -16.19 -8.76
CA ALA A 200 -13.82 -17.15 -9.19
C ALA A 200 -14.94 -16.43 -9.95
N THR A 201 -15.38 -15.28 -9.44
CA THR A 201 -16.44 -14.50 -10.09
C THR A 201 -15.99 -13.98 -11.44
N LEU A 202 -14.78 -13.43 -11.52
CA LEU A 202 -14.28 -12.93 -12.80
C LEU A 202 -14.10 -14.06 -13.82
N ALA A 203 -13.59 -15.20 -13.36
CA ALA A 203 -13.39 -16.37 -14.22
C ALA A 203 -14.72 -16.82 -14.86
N ALA A 204 -15.76 -16.91 -14.04
CA ALA A 204 -17.10 -17.29 -14.48
C ALA A 204 -17.63 -16.33 -15.55
N THR A 205 -17.44 -15.03 -15.32
CA THR A 205 -17.83 -14.02 -16.30
C THR A 205 -17.08 -14.14 -17.63
N LEU A 206 -15.79 -14.48 -17.55
CA LEU A 206 -14.97 -14.61 -18.74
C LEU A 206 -15.08 -15.96 -19.44
N GLY A 207 -15.80 -16.91 -18.82
CA GLY A 207 -15.82 -18.30 -19.30
C GLY A 207 -14.45 -18.95 -19.24
N GLN A 208 -13.67 -18.60 -18.20
CA GLN A 208 -12.37 -19.21 -17.93
C GLN A 208 -12.52 -20.14 -16.73
N SER A 209 -11.46 -20.89 -16.44
CA SER A 209 -11.51 -21.84 -15.34
C SER A 209 -11.38 -21.14 -13.98
N GLY A 210 -12.37 -21.34 -13.10
CA GLY A 210 -12.37 -20.71 -11.78
C GLY A 210 -12.70 -21.61 -10.60
N SER A 211 -12.96 -22.89 -10.86
CA SER A 211 -13.44 -23.80 -9.82
C SER A 211 -12.42 -24.05 -8.72
N ALA A 212 -11.13 -24.04 -9.08
CA ALA A 212 -10.06 -24.20 -8.09
C ALA A 212 -10.14 -23.09 -7.05
N TYR A 213 -10.42 -21.87 -7.51
CA TYR A 213 -10.51 -20.70 -6.64
C TYR A 213 -11.72 -20.78 -5.73
N SER A 214 -12.87 -21.16 -6.29
CA SER A 214 -14.08 -21.24 -5.48
C SER A 214 -14.07 -22.42 -4.50
N SER A 215 -13.32 -23.47 -4.80
CA SER A 215 -13.26 -24.59 -3.87
C SER A 215 -12.26 -24.36 -2.71
N VAL A 216 -11.22 -23.55 -2.97
CA VAL A 216 -10.22 -23.24 -1.96
C VAL A 216 -10.68 -22.11 -1.01
N ALA A 217 -11.42 -21.14 -1.55
CA ALA A 217 -11.82 -19.95 -0.78
C ALA A 217 -12.45 -20.22 0.60
N PRO A 218 -13.43 -21.16 0.68
CA PRO A 218 -14.05 -21.43 1.98
C PRO A 218 -13.06 -21.95 3.01
N GLN A 219 -12.01 -22.64 2.57
CA GLN A 219 -10.99 -23.13 3.49
C GLN A 219 -10.12 -22.00 4.05
N VAL A 220 -9.86 -20.99 3.20
CA VAL A 220 -9.13 -19.80 3.64
C VAL A 220 -9.98 -19.06 4.67
N LEU A 221 -11.28 -18.91 4.40
CA LEU A 221 -12.20 -18.28 5.34
C LEU A 221 -12.27 -19.03 6.68
N CYS A 222 -12.23 -20.35 6.58
N CYS A 222 -12.23 -20.35 6.63
CA CYS A 222 -12.20 -21.25 7.73
CA CYS A 222 -12.25 -21.10 7.87
C CYS A 222 -11.02 -20.95 8.66
C CYS A 222 -11.00 -20.88 8.72
N PHE A 223 -9.84 -20.82 8.06
CA PHE A 223 -8.61 -20.54 8.77
C PHE A 223 -8.64 -19.14 9.42
N LEU A 224 -9.26 -18.19 8.72
CA LEU A 224 -9.36 -16.80 9.23
C LEU A 224 -10.04 -16.73 10.60
N GLN A 225 -10.96 -17.66 10.85
CA GLN A 225 -11.69 -17.68 12.13
C GLN A 225 -10.79 -17.97 13.33
N ARG A 226 -9.66 -18.62 13.09
CA ARG A 226 -8.75 -19.03 14.15
C ARG A 226 -7.93 -17.88 14.76
N PHE A 227 -8.00 -16.70 14.18
CA PHE A 227 -7.25 -15.53 14.67
C PHE A 227 -7.93 -14.79 15.81
N TRP A 228 -9.23 -15.02 15.96
CA TRP A 228 -10.04 -14.39 17.01
C TRP A 228 -9.71 -14.92 18.40
N VAL A 229 -9.46 -14.01 19.35
CA VAL A 229 -9.24 -14.36 20.74
C VAL A 229 -10.54 -14.03 21.50
N SER A 230 -11.34 -15.06 21.79
CA SER A 230 -12.66 -14.85 22.40
C SER A 230 -12.58 -14.29 23.83
N SER A 231 -11.56 -14.70 24.58
CA SER A 231 -11.42 -14.23 25.95
C SER A 231 -11.07 -12.75 26.03
N GLY A 232 -10.32 -12.25 25.05
CA GLY A 232 -9.92 -10.84 25.03
C GLY A 232 -10.74 -9.93 24.12
N GLY A 233 -11.52 -10.52 23.22
CA GLY A 233 -12.34 -9.74 22.29
C GLY A 233 -11.52 -8.99 21.26
N TYR A 234 -10.42 -9.60 20.80
CA TYR A 234 -9.61 -8.97 19.75
C TYR A 234 -8.98 -10.01 18.84
N VAL A 235 -8.41 -9.56 17.73
CA VAL A 235 -7.75 -10.45 16.78
C VAL A 235 -6.27 -10.55 17.14
N ASP A 236 -5.76 -11.78 17.29
CA ASP A 236 -4.32 -11.99 17.42
C ASP A 236 -3.77 -11.98 15.99
N SER A 237 -3.08 -10.88 15.64
CA SER A 237 -2.83 -10.60 14.22
C SER A 237 -1.87 -11.57 13.51
N ASN A 238 -0.98 -12.21 14.27
CA ASN A 238 -0.09 -13.21 13.70
C ASN A 238 -0.10 -14.45 14.55
N ILE A 239 -0.35 -15.59 13.91
CA ILE A 239 -0.31 -16.87 14.62
C ILE A 239 0.70 -17.79 13.92
N ASN A 240 0.81 -19.04 14.36
CA ASN A 240 1.84 -19.95 13.82
C ASN A 240 3.24 -19.35 13.92
N THR A 241 3.48 -18.61 15.00
CA THR A 241 4.75 -17.93 15.22
C THR A 241 5.03 -17.85 16.72
N ASN A 242 6.29 -17.56 17.08
CA ASN A 242 6.65 -17.44 18.50
C ASN A 242 7.21 -16.08 18.87
N GLU A 243 6.66 -15.02 18.28
CA GLU A 243 7.22 -13.66 18.43
C GLU A 243 7.06 -13.00 19.82
N GLY A 244 6.12 -13.46 20.62
CA GLY A 244 5.95 -12.89 21.95
C GLY A 244 5.41 -11.46 21.93
N ARG A 245 4.37 -11.23 21.13
CA ARG A 245 3.60 -9.99 21.15
C ARG A 245 2.18 -10.34 21.56
N THR A 246 1.40 -9.35 21.96
CA THR A 246 -0.01 -9.61 22.27
C THR A 246 -0.80 -9.95 21.00
N GLY A 247 -0.35 -9.46 19.85
CA GLY A 247 -1.10 -9.63 18.60
C GLY A 247 -2.06 -8.47 18.30
N LYS A 248 -2.21 -7.57 19.27
CA LYS A 248 -3.03 -6.36 19.06
C LYS A 248 -2.24 -5.45 18.11
N ASP A 249 -2.77 -5.25 16.91
CA ASP A 249 -1.94 -4.68 15.84
C ASP A 249 -2.93 -4.06 14.87
N VAL A 250 -2.61 -2.87 14.37
CA VAL A 250 -3.46 -2.22 13.37
C VAL A 250 -3.65 -3.07 12.07
N ASN A 251 -2.77 -4.05 11.87
CA ASN A 251 -3.00 -5.17 10.93
C ASN A 251 -4.49 -5.54 10.81
N SER A 252 -5.14 -5.79 11.94
CA SER A 252 -6.55 -6.24 11.96
C SER A 252 -7.56 -5.15 11.56
N VAL A 253 -7.25 -3.90 11.89
CA VAL A 253 -8.10 -2.75 11.50
C VAL A 253 -7.97 -2.49 10.01
N LEU A 254 -6.74 -2.48 9.50
CA LEU A 254 -6.49 -2.40 8.07
C LEU A 254 -7.22 -3.49 7.30
N THR A 255 -7.21 -4.70 7.87
CA THR A 255 -7.93 -5.83 7.27
C THR A 255 -9.41 -5.51 7.10
N SER A 256 -10.04 -5.02 8.18
CA SER A 256 -11.47 -4.70 8.16
C SER A 256 -11.81 -3.70 7.04
N ILE A 257 -11.03 -2.63 6.95
CA ILE A 257 -11.30 -1.59 5.94
C ILE A 257 -10.99 -1.99 4.49
N HIS A 258 -9.99 -2.85 4.30
CA HIS A 258 -9.62 -3.27 2.94
C HIS A 258 -10.44 -4.42 2.38
N THR A 259 -11.18 -5.10 3.25
CA THR A 259 -12.15 -6.13 2.81
C THR A 259 -13.61 -5.72 3.04
N PHE A 260 -13.82 -4.45 3.34
CA PHE A 260 -15.16 -3.87 3.51
C PHE A 260 -16.05 -4.08 2.28
N ASP A 261 -17.25 -4.61 2.50
CA ASP A 261 -18.27 -4.67 1.46
C ASP A 261 -19.60 -4.48 2.17
N PRO A 262 -20.24 -3.33 1.93
CA PRO A 262 -21.50 -3.02 2.64
C PRO A 262 -22.62 -4.04 2.37
N ASN A 263 -22.55 -4.72 1.22
CA ASN A 263 -23.52 -5.77 0.90
C ASN A 263 -23.44 -6.96 1.85
N LEU A 264 -22.32 -7.08 2.57
CA LEU A 264 -22.19 -8.11 3.60
C LEU A 264 -22.71 -7.65 4.98
N GLY A 265 -23.23 -6.43 5.07
CA GLY A 265 -23.78 -5.91 6.33
C GLY A 265 -22.75 -5.99 7.44
N CYS A 266 -23.17 -6.38 8.64
CA CYS A 266 -22.22 -6.45 9.76
C CYS A 266 -21.74 -7.87 10.04
N ASP A 267 -21.42 -8.57 8.95
CA ASP A 267 -20.94 -9.94 9.02
C ASP A 267 -19.65 -10.08 9.82
N ALA A 268 -19.68 -10.86 10.89
CA ALA A 268 -18.47 -11.10 11.69
C ALA A 268 -17.50 -12.11 11.07
N GLY A 269 -18.02 -12.99 10.20
CA GLY A 269 -17.19 -14.03 9.58
C GLY A 269 -16.06 -13.43 8.73
N THR A 270 -16.39 -12.36 8.02
CA THR A 270 -15.40 -11.68 7.19
C THR A 270 -14.91 -10.39 7.88
N PHE A 271 -15.19 -10.24 9.17
N PHE A 271 -15.24 -10.26 9.16
CA PHE A 271 -14.66 -9.12 9.97
CA PHE A 271 -14.77 -9.16 10.02
C PHE A 271 -15.04 -7.75 9.37
C PHE A 271 -15.06 -7.77 9.46
N GLN A 272 -16.32 -7.57 9.03
CA GLN A 272 -16.77 -6.28 8.48
C GLN A 272 -16.63 -5.18 9.52
N PRO A 273 -16.37 -3.93 9.09
CA PRO A 273 -16.21 -2.82 10.03
C PRO A 273 -17.28 -2.68 11.13
N CYS A 274 -18.56 -2.87 10.79
CA CYS A 274 -19.61 -2.77 11.81
C CYS A 274 -19.90 -4.09 12.53
N SER A 275 -19.13 -5.15 12.24
CA SER A 275 -19.30 -6.42 12.95
C SER A 275 -18.94 -6.25 14.43
N ASP A 276 -19.60 -7.02 15.29
CA ASP A 276 -19.29 -6.91 16.71
C ASP A 276 -17.82 -7.25 17.01
N LYS A 277 -17.29 -8.27 16.34
CA LYS A 277 -15.88 -8.65 16.50
C LYS A 277 -14.92 -7.54 16.08
N ALA A 278 -15.20 -6.87 14.95
CA ALA A 278 -14.33 -5.80 14.46
C ALA A 278 -14.38 -4.58 15.38
N LEU A 279 -15.57 -4.30 15.91
CA LEU A 279 -15.72 -3.16 16.82
C LEU A 279 -15.01 -3.39 18.15
N SER A 280 -15.18 -4.59 18.71
CA SER A 280 -14.45 -4.98 19.93
C SER A 280 -12.93 -4.90 19.73
N ASN A 281 -12.47 -5.44 18.61
CA ASN A 281 -11.05 -5.39 18.27
C ASN A 281 -10.54 -3.95 18.16
N LEU A 282 -11.31 -3.09 17.50
CA LEU A 282 -10.92 -1.70 17.36
C LEU A 282 -10.65 -1.07 18.73
N LYS A 283 -11.58 -1.26 19.67
CA LYS A 283 -11.40 -0.68 21.00
C LYS A 283 -10.14 -1.23 21.67
N VAL A 284 -9.94 -2.55 21.62
CA VAL A 284 -8.79 -3.18 22.27
C VAL A 284 -7.50 -2.66 21.66
N VAL A 285 -7.47 -2.53 20.34
CA VAL A 285 -6.29 -2.00 19.64
C VAL A 285 -6.02 -0.52 20.02
N VAL A 286 -7.03 0.33 19.92
CA VAL A 286 -6.90 1.74 20.31
C VAL A 286 -6.39 1.87 21.75
N ASP A 287 -7.02 1.13 22.67
CA ASP A 287 -6.66 1.17 24.08
C ASP A 287 -5.20 0.86 24.32
N SER A 288 -4.61 0.00 23.49
CA SER A 288 -3.22 -0.41 23.66
C SER A 288 -2.20 0.74 23.44
N PHE A 289 -2.68 1.83 22.82
CA PHE A 289 -1.85 3.01 22.58
C PHE A 289 -2.14 4.21 23.47
N ARG A 290 -3.28 4.19 24.16
CA ARG A 290 -3.69 5.36 24.97
C ARG A 290 -2.68 5.77 26.03
N SER A 291 -2.11 4.80 26.72
CA SER A 291 -1.28 5.13 27.89
C SER A 291 0.21 5.24 27.60
N ILE A 292 0.62 4.96 26.37
CA ILE A 292 2.05 4.83 26.10
C ILE A 292 2.69 5.96 25.30
N TYR A 293 1.90 6.75 24.59
CA TYR A 293 2.42 7.84 23.75
C TYR A 293 2.24 9.19 24.44
N GLY A 294 3.32 9.96 24.53
CA GLY A 294 3.27 11.33 25.11
C GLY A 294 2.22 12.21 24.42
N VAL A 295 2.04 12.05 23.10
CA VAL A 295 1.03 12.84 22.40
C VAL A 295 -0.39 12.55 22.88
N ASN A 296 -0.62 11.39 23.51
CA ASN A 296 -1.95 11.03 23.97
C ASN A 296 -2.26 11.44 25.42
N LYS A 297 -1.26 12.02 26.08
CA LYS A 297 -1.37 12.51 27.46
C LYS A 297 -2.57 13.43 27.64
N GLY A 298 -3.38 13.18 28.66
CA GLY A 298 -4.51 14.06 28.92
C GLY A 298 -5.77 13.82 28.11
N ILE A 299 -5.71 12.98 27.08
CA ILE A 299 -6.93 12.66 26.31
C ILE A 299 -7.75 11.61 27.06
N PRO A 300 -9.04 11.90 27.34
CA PRO A 300 -9.86 10.96 28.12
C PRO A 300 -10.33 9.74 27.33
N ALA A 301 -10.83 8.73 28.05
CA ALA A 301 -11.55 7.65 27.40
C ALA A 301 -12.76 8.25 26.69
N GLY A 302 -13.17 7.62 25.59
CA GLY A 302 -14.27 8.12 24.78
C GLY A 302 -13.87 9.20 23.78
N ALA A 303 -12.57 9.51 23.73
CA ALA A 303 -12.06 10.48 22.77
C ALA A 303 -10.95 9.86 21.95
N ALA A 304 -10.78 10.33 20.72
CA ALA A 304 -9.82 9.75 19.79
C ALA A 304 -8.38 10.04 20.17
N VAL A 305 -7.48 9.11 19.84
CA VAL A 305 -6.05 9.26 20.14
C VAL A 305 -5.24 8.88 18.91
N ALA A 306 -3.97 9.26 18.90
CA ALA A 306 -3.04 8.81 17.88
C ALA A 306 -2.68 7.35 18.10
N ILE A 307 -2.68 6.57 17.03
CA ILE A 307 -2.31 5.17 17.13
C ILE A 307 -1.19 4.77 16.16
N GLY A 308 -0.45 3.74 16.56
CA GLY A 308 0.67 3.21 15.79
C GLY A 308 0.33 1.86 15.21
N ARG A 309 1.37 1.04 14.99
CA ARG A 309 1.17 -0.26 14.38
C ARG A 309 0.84 -1.28 15.48
N TYR A 310 1.70 -1.33 16.49
CA TYR A 310 1.51 -2.26 17.61
C TYR A 310 2.34 -1.73 18.77
N ALA A 311 1.88 -1.97 20.00
CA ALA A 311 2.50 -1.30 21.16
C ALA A 311 3.95 -1.72 21.39
N GLU A 312 4.32 -2.94 21.00
CA GLU A 312 5.69 -3.45 21.19
C GLU A 312 6.69 -2.87 20.19
N ASP A 313 6.20 -2.09 19.22
CA ASP A 313 7.03 -1.57 18.12
C ASP A 313 8.25 -0.80 18.62
N VAL A 314 9.43 -1.09 18.06
CA VAL A 314 10.64 -0.31 18.33
C VAL A 314 11.24 0.34 17.07
N TYR A 315 10.52 0.24 15.95
CA TYR A 315 11.00 0.85 14.69
C TYR A 315 10.96 2.37 14.82
N TYR A 316 12.14 2.99 14.70
CA TYR A 316 12.30 4.43 14.99
C TYR A 316 11.79 4.78 16.40
N ASN A 317 11.87 3.79 17.29
CA ASN A 317 11.43 3.86 18.71
C ASN A 317 9.96 3.52 18.94
N GLY A 318 9.21 3.30 17.87
CA GLY A 318 7.78 2.97 17.99
C GLY A 318 6.94 4.22 18.14
N ASN A 319 6.26 4.62 17.06
CA ASN A 319 5.53 5.87 17.02
C ASN A 319 4.15 5.72 16.39
N PRO A 320 3.27 6.72 16.58
CA PRO A 320 2.05 6.69 15.79
C PRO A 320 2.35 6.79 14.29
N TRP A 321 1.48 6.22 13.48
CA TRP A 321 1.57 6.28 12.03
C TRP A 321 0.32 6.96 11.51
N TYR A 322 0.47 7.82 10.50
CA TYR A 322 -0.70 8.44 9.90
C TYR A 322 -1.70 7.42 9.38
N LEU A 323 -1.19 6.43 8.65
CA LEU A 323 -2.10 5.46 8.02
C LEU A 323 -2.86 4.63 9.06
N ALA A 324 -2.25 4.45 10.24
CA ALA A 324 -2.88 3.66 11.30
C ALA A 324 -4.00 4.48 11.94
N THR A 325 -3.73 5.77 12.16
CA THR A 325 -4.70 6.70 12.74
C THR A 325 -5.88 6.94 11.78
N PHE A 326 -5.58 7.12 10.49
CA PHE A 326 -6.64 7.20 9.47
C PHE A 326 -7.46 5.92 9.36
N ALA A 327 -6.82 4.76 9.53
CA ALA A 327 -7.53 3.46 9.44
C ALA A 327 -8.66 3.32 10.48
N ALA A 328 -8.41 3.79 11.71
CA ALA A 328 -9.43 3.77 12.77
C ALA A 328 -10.63 4.60 12.37
N ALA A 329 -10.39 5.79 11.84
CA ALA A 329 -11.48 6.65 11.36
C ALA A 329 -12.25 5.94 10.24
N GLU A 330 -11.51 5.38 9.29
CA GLU A 330 -12.13 4.70 8.16
C GLU A 330 -13.04 3.53 8.57
N GLN A 331 -12.60 2.73 9.54
CA GLN A 331 -13.44 1.61 9.96
C GLN A 331 -14.77 2.14 10.50
N LEU A 332 -14.70 3.23 11.24
CA LEU A 332 -15.90 3.83 11.82
C LEU A 332 -16.82 4.45 10.76
N TYR A 333 -16.25 5.14 9.79
CA TYR A 333 -17.05 5.64 8.65
C TYR A 333 -17.75 4.53 7.88
N ASP A 334 -17.06 3.41 7.71
CA ASP A 334 -17.63 2.22 7.07
C ASP A 334 -18.79 1.67 7.88
N ALA A 335 -18.62 1.63 9.21
CA ALA A 335 -19.70 1.18 10.10
C ALA A 335 -20.93 2.09 10.01
N ILE A 336 -20.71 3.40 10.07
CA ILE A 336 -21.78 4.40 9.96
C ILE A 336 -22.54 4.26 8.65
N TYR A 337 -21.81 4.06 7.55
CA TYR A 337 -22.44 3.84 6.25
C TYR A 337 -23.46 2.71 6.28
N VAL A 338 -23.06 1.56 6.83
CA VAL A 338 -23.94 0.38 6.89
C VAL A 338 -25.11 0.58 7.84
N TRP A 339 -24.86 1.18 8.99
CA TRP A 339 -25.95 1.48 9.94
C TRP A 339 -27.05 2.37 9.30
N LYS A 340 -26.64 3.43 8.62
CA LYS A 340 -27.56 4.36 7.94
C LYS A 340 -28.31 3.69 6.79
N LYS A 341 -27.61 2.84 6.03
CA LYS A 341 -28.20 2.17 4.89
C LYS A 341 -29.26 1.16 5.31
N THR A 342 -28.96 0.38 6.35
CA THR A 342 -29.84 -0.68 6.82
C THR A 342 -30.90 -0.13 7.80
N GLY A 343 -30.65 1.06 8.35
CA GLY A 343 -31.56 1.72 9.29
C GLY A 343 -31.67 1.04 10.65
N SER A 344 -30.61 0.36 11.05
CA SER A 344 -30.62 -0.50 12.25
C SER A 344 -29.21 -0.66 12.83
N ILE A 345 -29.10 -0.68 14.16
CA ILE A 345 -27.84 -0.94 14.87
C ILE A 345 -28.03 -2.01 15.93
N THR A 346 -27.23 -3.06 15.87
CA THR A 346 -27.27 -4.11 16.88
C THR A 346 -26.04 -4.02 17.78
N VAL A 347 -26.28 -3.91 19.08
CA VAL A 347 -25.24 -3.96 20.10
C VAL A 347 -25.33 -5.35 20.69
N THR A 348 -24.20 -6.04 20.78
CA THR A 348 -24.12 -7.38 21.34
C THR A 348 -23.20 -7.37 22.55
N ALA A 349 -23.14 -8.50 23.28
CA ALA A 349 -22.22 -8.64 24.41
C ALA A 349 -20.77 -8.38 23.99
N THR A 350 -20.43 -8.76 22.76
CA THR A 350 -19.06 -8.64 22.25
C THR A 350 -18.69 -7.19 21.99
N SER A 351 -19.60 -6.41 21.44
CA SER A 351 -19.32 -5.00 21.13
C SER A 351 -19.78 -4.04 22.23
N LEU A 352 -20.25 -4.57 23.36
CA LEU A 352 -20.82 -3.69 24.38
C LEU A 352 -19.80 -2.67 24.90
N ALA A 353 -18.56 -3.10 25.15
CA ALA A 353 -17.56 -2.22 25.73
C ALA A 353 -17.27 -1.05 24.77
N PHE A 354 -17.20 -1.37 23.47
CA PHE A 354 -16.99 -0.34 22.46
C PHE A 354 -18.10 0.71 22.56
N PHE A 355 -19.35 0.26 22.56
CA PHE A 355 -20.48 1.19 22.54
C PHE A 355 -20.62 1.97 23.84
N GLN A 356 -20.39 1.32 24.98
CA GLN A 356 -20.58 1.99 26.27
C GLN A 356 -19.57 3.10 26.52
N GLU A 357 -18.39 2.97 25.91
CA GLU A 357 -17.39 4.03 25.99
C GLU A 357 -17.90 5.30 25.32
N LEU A 358 -18.73 5.16 24.29
CA LEU A 358 -19.24 6.30 23.53
C LEU A 358 -20.64 6.75 23.96
N VAL A 359 -21.46 5.80 24.39
CA VAL A 359 -22.82 6.08 24.85
C VAL A 359 -22.95 5.37 26.21
N PRO A 360 -22.56 6.07 27.28
CA PRO A 360 -22.55 5.41 28.60
C PRO A 360 -23.92 4.82 28.94
N GLY A 361 -23.93 3.61 29.48
CA GLY A 361 -25.14 2.96 29.95
C GLY A 361 -25.95 2.23 28.89
N VAL A 362 -25.56 2.31 27.62
CA VAL A 362 -26.35 1.62 26.57
C VAL A 362 -26.27 0.10 26.80
N THR A 363 -27.32 -0.63 26.46
CA THR A 363 -27.31 -2.08 26.64
C THR A 363 -27.40 -2.80 25.32
N ALA A 364 -27.14 -4.11 25.36
CA ALA A 364 -27.29 -4.93 24.17
C ALA A 364 -28.72 -4.84 23.65
N GLY A 365 -28.87 -4.90 22.34
CA GLY A 365 -30.18 -4.85 21.70
C GLY A 365 -30.08 -4.34 20.28
N THR A 366 -31.23 -4.26 19.62
CA THR A 366 -31.30 -3.73 18.27
C THR A 366 -32.08 -2.44 18.25
N TYR A 367 -31.45 -1.40 17.70
CA TYR A 367 -32.03 -0.07 17.69
C TYR A 367 -32.27 0.39 16.27
N SER A 368 -33.53 0.71 15.95
CA SER A 368 -33.87 1.09 14.59
C SER A 368 -33.71 2.59 14.39
N SER A 369 -33.77 3.03 13.14
CA SER A 369 -33.53 4.44 12.78
C SER A 369 -34.53 5.41 13.40
N SER A 370 -35.66 4.91 13.90
CA SER A 370 -36.64 5.79 14.57
C SER A 370 -36.28 6.09 16.02
N SER A 371 -35.47 5.21 16.62
CA SER A 371 -35.15 5.33 18.04
C SER A 371 -34.16 6.46 18.35
N SER A 372 -34.31 7.07 19.53
CA SER A 372 -33.34 8.06 19.96
C SER A 372 -31.95 7.43 20.13
N THR A 373 -31.92 6.13 20.49
CA THR A 373 -30.66 5.42 20.70
C THR A 373 -29.84 5.39 19.41
N PHE A 374 -30.51 5.07 18.31
CA PHE A 374 -29.88 5.08 16.97
C PHE A 374 -29.18 6.40 16.70
N THR A 375 -29.91 7.51 16.85
CA THR A 375 -29.38 8.85 16.61
C THR A 375 -28.20 9.19 17.51
N ASN A 376 -28.32 8.83 18.79
N ASN A 376 -28.29 8.84 18.79
CA ASN A 376 -27.27 9.01 19.78
CA ASN A 376 -27.21 9.09 19.72
C ASN A 376 -26.00 8.30 19.37
C ASN A 376 -25.95 8.28 19.42
N ILE A 377 -26.13 7.02 19.02
CA ILE A 377 -24.99 6.19 18.58
C ILE A 377 -24.34 6.79 17.33
N ILE A 378 -25.14 7.12 16.33
CA ILE A 378 -24.61 7.71 15.08
C ILE A 378 -23.79 8.95 15.35
N ASN A 379 -24.35 9.87 16.15
CA ASN A 379 -23.66 11.11 16.46
C ASN A 379 -22.38 10.87 17.23
N ALA A 380 -22.43 9.96 18.22
CA ALA A 380 -21.28 9.67 19.06
C ALA A 380 -20.15 9.07 18.22
N VAL A 381 -20.52 8.09 17.38
CA VAL A 381 -19.52 7.40 16.55
C VAL A 381 -18.95 8.35 15.49
N SER A 382 -19.79 9.18 14.89
CA SER A 382 -19.32 10.18 13.91
C SER A 382 -18.33 11.14 14.52
N THR A 383 -18.64 11.65 15.72
CA THR A 383 -17.74 12.55 16.42
C THR A 383 -16.40 11.89 16.74
N TYR A 384 -16.45 10.63 17.15
CA TYR A 384 -15.27 9.85 17.50
C TYR A 384 -14.41 9.62 16.25
N ALA A 385 -15.05 9.21 15.16
CA ALA A 385 -14.33 9.02 13.89
C ALA A 385 -13.63 10.30 13.41
N ASP A 386 -14.37 11.41 13.39
CA ASP A 386 -13.78 12.73 13.09
C ASP A 386 -12.64 13.07 14.04
N GLY A 387 -12.73 12.57 15.26
CA GLY A 387 -11.68 12.79 16.25
C GLY A 387 -10.35 12.18 15.84
N PHE A 388 -10.37 11.00 15.25
CA PHE A 388 -9.14 10.39 14.71
C PHE A 388 -8.54 11.24 13.59
N LEU A 389 -9.38 11.73 12.69
CA LEU A 389 -8.89 12.64 11.64
C LEU A 389 -8.26 13.88 12.23
N SER A 390 -8.91 14.48 13.23
CA SER A 390 -8.43 15.72 13.83
C SER A 390 -7.14 15.53 14.60
N GLU A 391 -6.99 14.37 15.24
CA GLU A 391 -5.76 14.05 15.94
C GLU A 391 -4.57 13.93 14.97
N ALA A 392 -4.77 13.23 13.85
CA ALA A 392 -3.72 13.15 12.84
C ALA A 392 -3.43 14.55 12.28
N ALA A 393 -4.49 15.33 12.08
CA ALA A 393 -4.36 16.69 11.51
C ALA A 393 -3.49 17.63 12.34
N LYS A 394 -3.46 17.45 13.66
CA LYS A 394 -2.60 18.26 14.52
C LYS A 394 -1.14 18.11 14.12
N TYR A 395 -0.80 17.00 13.50
CA TYR A 395 0.60 16.69 13.24
C TYR A 395 0.96 16.67 11.78
N VAL A 396 0.09 17.26 10.96
CA VAL A 396 0.38 17.44 9.54
C VAL A 396 0.97 18.86 9.39
N PRO A 397 2.18 18.96 8.79
CA PRO A 397 2.85 20.25 8.65
C PRO A 397 2.07 21.16 7.71
N ALA A 398 2.44 22.45 7.71
CA ALA A 398 1.74 23.44 6.89
C ALA A 398 1.67 23.09 5.40
N ASP A 399 2.66 22.36 4.89
CA ASP A 399 2.68 22.03 3.45
C ASP A 399 1.83 20.81 3.09
N GLY A 400 1.19 20.21 4.09
CA GLY A 400 0.31 19.07 3.87
C GLY A 400 1.02 17.75 3.61
N SER A 401 2.33 17.71 3.83
CA SER A 401 3.06 16.48 3.57
C SER A 401 2.79 15.41 4.64
N LEU A 402 2.77 14.16 4.23
CA LEU A 402 2.55 13.04 5.13
C LEU A 402 3.73 12.10 5.07
N ALA A 403 4.53 12.08 6.14
CA ALA A 403 5.57 11.08 6.29
C ALA A 403 4.94 9.75 6.71
N GLU A 404 5.78 8.78 7.07
CA GLU A 404 5.31 7.50 7.53
C GLU A 404 4.79 7.63 8.97
N GLN A 405 5.57 8.32 9.80
CA GLN A 405 5.32 8.35 11.23
C GLN A 405 5.34 9.78 11.77
N PHE A 406 4.81 9.93 12.98
CA PHE A 406 5.00 11.17 13.75
C PHE A 406 5.38 10.84 15.18
N ASP A 407 6.29 11.64 15.74
CA ASP A 407 6.97 11.28 17.00
C ASP A 407 5.99 11.07 18.16
N ARG A 408 6.17 9.96 18.88
CA ARG A 408 5.27 9.58 19.99
C ARG A 408 5.19 10.63 21.10
N ASN A 409 6.20 11.49 21.20
CA ASN A 409 6.22 12.55 22.23
C ASN A 409 5.96 13.96 21.69
N SER A 410 6.57 14.28 20.55
CA SER A 410 6.53 15.66 20.05
C SER A 410 5.67 15.84 18.81
N GLY A 411 5.29 14.75 18.16
CA GLY A 411 4.43 14.84 16.99
C GLY A 411 5.14 15.28 15.71
N THR A 412 6.46 15.42 15.76
CA THR A 412 7.20 15.84 14.57
C THR A 412 7.32 14.65 13.59
N PRO A 413 7.21 14.91 12.27
CA PRO A 413 7.25 13.83 11.29
C PRO A 413 8.59 13.10 11.30
N LEU A 414 8.58 11.78 11.11
CA LEU A 414 9.81 11.03 11.00
C LEU A 414 9.70 9.83 10.10
N SER A 415 10.83 9.15 9.93
CA SER A 415 10.99 8.09 8.95
C SER A 415 10.74 8.62 7.53
N ALA A 416 10.29 7.75 6.63
CA ALA A 416 10.19 8.08 5.19
C ALA A 416 9.29 9.27 4.93
N LEU A 417 9.76 10.19 4.10
CA LEU A 417 8.94 11.35 3.75
C LEU A 417 8.02 10.99 2.59
N HIS A 418 6.89 11.69 2.49
CA HIS A 418 5.95 11.48 1.37
C HIS A 418 5.65 10.00 1.13
N LEU A 419 5.23 9.30 2.18
CA LEU A 419 4.89 7.90 2.03
C LEU A 419 3.63 7.77 1.20
N THR A 420 3.72 7.04 0.09
CA THR A 420 2.62 6.95 -0.86
C THR A 420 1.38 6.39 -0.17
N TRP A 421 1.60 5.37 0.67
CA TRP A 421 0.49 4.77 1.40
C TRP A 421 -0.17 5.77 2.38
N SER A 422 0.58 6.66 3.01
CA SER A 422 -0.04 7.70 3.86
C SER A 422 -1.06 8.51 3.08
N TYR A 423 -0.68 8.94 1.87
CA TYR A 423 -1.61 9.73 1.05
C TYR A 423 -2.85 8.93 0.65
N ALA A 424 -2.65 7.67 0.23
CA ALA A 424 -3.77 6.78 -0.10
C ALA A 424 -4.73 6.64 1.08
N SER A 425 -4.17 6.45 2.28
CA SER A 425 -4.96 6.24 3.49
C SER A 425 -5.81 7.46 3.90
N PHE A 426 -5.28 8.66 3.65
CA PHE A 426 -6.06 9.89 3.86
C PHE A 426 -7.22 9.93 2.88
N LEU A 427 -6.92 9.64 1.61
CA LEU A 427 -7.93 9.70 0.55
C LEU A 427 -9.05 8.70 0.75
N THR A 428 -8.74 7.48 1.18
CA THR A 428 -9.78 6.48 1.40
C THR A 428 -10.65 6.80 2.64
N ALA A 429 -10.03 7.22 3.73
CA ALA A 429 -10.76 7.55 4.96
C ALA A 429 -11.77 8.67 4.68
N THR A 430 -11.32 9.68 3.93
CA THR A 430 -12.20 10.83 3.66
C THR A 430 -13.29 10.52 2.63
N ALA A 431 -13.00 9.61 1.69
CA ALA A 431 -14.04 9.10 0.78
C ALA A 431 -15.15 8.39 1.55
N ARG A 432 -14.78 7.54 2.51
CA ARG A 432 -15.79 6.81 3.29
C ARG A 432 -16.62 7.77 4.13
N ARG A 433 -15.98 8.81 4.66
CA ARG A 433 -16.68 9.82 5.44
C ARG A 433 -17.80 10.45 4.62
N ALA A 434 -17.52 10.70 3.35
CA ALA A 434 -18.48 11.29 2.42
C ALA A 434 -19.46 10.28 1.82
N GLY A 435 -19.41 9.03 2.26
CA GLY A 435 -20.35 8.01 1.80
C GLY A 435 -20.02 7.43 0.43
N ILE A 436 -18.75 7.60 0.01
CA ILE A 436 -18.28 7.01 -1.23
C ILE A 436 -17.65 5.65 -0.91
N VAL A 437 -18.30 4.60 -1.38
CA VAL A 437 -17.88 3.23 -1.08
C VAL A 437 -17.39 2.51 -2.33
N PRO A 438 -16.50 1.51 -2.16
CA PRO A 438 -15.96 0.87 -3.35
C PRO A 438 -16.92 -0.18 -3.89
N PRO A 439 -16.70 -0.66 -5.13
CA PRO A 439 -17.51 -1.76 -5.67
C PRO A 439 -17.52 -2.96 -4.75
N SER A 440 -18.64 -3.66 -4.73
CA SER A 440 -18.78 -4.86 -3.93
C SER A 440 -17.89 -5.98 -4.48
N TRP A 441 -17.44 -6.85 -3.59
CA TRP A 441 -16.63 -8.00 -4.00
C TRP A 441 -17.29 -9.33 -3.68
N ALA A 442 -18.23 -9.34 -2.73
CA ALA A 442 -18.79 -10.60 -2.27
C ALA A 442 -20.27 -10.73 -2.60
N ASN A 443 -20.75 -11.98 -2.63
CA ASN A 443 -22.17 -12.27 -2.41
C ASN A 443 -22.34 -12.95 -1.04
N SER A 444 -23.58 -13.00 -0.56
CA SER A 444 -23.88 -13.59 0.76
C SER A 444 -23.13 -14.89 1.09
N SER A 445 -23.01 -15.80 0.11
CA SER A 445 -22.38 -17.10 0.33
C SER A 445 -20.87 -17.04 0.59
N ALA A 446 -20.21 -15.99 0.08
CA ALA A 446 -18.79 -15.75 0.34
C ALA A 446 -18.47 -15.55 1.82
N SER A 447 -19.49 -15.66 2.68
CA SER A 447 -19.34 -15.56 4.13
C SER A 447 -19.71 -16.84 4.88
N THR A 448 -20.06 -17.91 4.16
CA THR A 448 -20.41 -19.18 4.80
C THR A 448 -19.16 -20.01 5.14
N ILE A 449 -19.03 -20.35 6.42
CA ILE A 449 -17.85 -21.03 6.92
C ILE A 449 -18.09 -22.54 6.96
N PRO A 450 -17.19 -23.33 6.34
CA PRO A 450 -17.23 -24.81 6.35
C PRO A 450 -17.28 -25.39 7.75
N SER A 451 -17.85 -26.59 7.87
CA SER A 451 -17.98 -27.31 9.14
C SER A 451 -16.64 -27.74 9.72
N THR A 452 -15.85 -28.43 8.91
CA THR A 452 -14.48 -28.81 9.29
C THR A 452 -13.53 -28.15 8.30
N CYS A 453 -12.37 -27.72 8.80
N CYS A 453 -12.29 -27.94 8.71
CA CYS A 453 -11.32 -27.05 7.99
CA CYS A 453 -11.39 -27.23 7.84
C CYS A 453 -10.22 -28.04 7.58
C CYS A 453 -10.06 -27.86 7.66
N SER A 454 -9.62 -27.83 6.41
CA SER A 454 -8.39 -28.50 6.01
C SER A 454 -7.51 -27.47 5.31
N GLY A 455 -6.21 -27.75 5.24
CA GLY A 455 -5.29 -26.91 4.50
C GLY A 455 -5.29 -27.23 3.02
N ALA A 456 -6.49 -27.22 2.41
CA ALA A 456 -6.67 -27.55 1.00
C ALA A 456 -6.00 -26.53 0.08
N SER A 457 -5.11 -27.02 -0.77
CA SER A 457 -4.46 -26.16 -1.75
C SER A 457 -4.48 -26.85 -3.10
N VAL A 458 -4.19 -26.08 -4.15
CA VAL A 458 -4.15 -26.58 -5.51
C VAL A 458 -2.84 -26.15 -6.17
N VAL A 459 -2.08 -27.11 -6.68
CA VAL A 459 -0.87 -26.80 -7.44
C VAL A 459 -1.28 -26.19 -8.79
N GLY A 460 -0.78 -24.99 -9.07
CA GLY A 460 -1.19 -24.28 -10.28
C GLY A 460 -0.19 -24.37 -11.43
N SER A 461 -0.55 -23.72 -12.53
CA SER A 461 0.33 -23.62 -13.68
C SER A 461 0.56 -22.15 -13.93
N TYR A 462 1.78 -21.80 -14.32
CA TYR A 462 2.17 -20.41 -14.50
C TYR A 462 2.78 -20.19 -15.86
N SER A 463 2.38 -19.13 -16.51
CA SER A 463 2.99 -18.77 -17.78
C SER A 463 3.20 -17.27 -17.86
N ARG A 464 4.28 -16.89 -18.54
CA ARG A 464 4.64 -15.50 -18.74
C ARG A 464 3.55 -14.80 -19.55
N PRO A 465 2.94 -13.72 -19.00
CA PRO A 465 2.06 -12.91 -19.84
C PRO A 465 2.88 -12.24 -20.94
N THR A 466 2.26 -11.96 -22.07
CA THR A 466 2.99 -11.44 -23.22
C THR A 466 2.43 -10.11 -23.72
N ALA A 467 1.11 -9.93 -23.60
CA ALA A 467 0.44 -8.67 -23.98
C ALA A 467 0.85 -7.51 -23.08
N THR A 468 1.41 -6.47 -23.67
CA THR A 468 1.96 -5.34 -22.92
C THR A 468 1.37 -4.00 -23.35
N SER A 469 0.23 -4.02 -24.03
CA SER A 469 -0.38 -2.77 -24.50
C SER A 469 -1.89 -2.83 -24.52
N PHE A 470 -2.50 -1.68 -24.27
CA PHE A 470 -3.95 -1.52 -24.28
C PHE A 470 -4.39 -0.83 -25.56
N PRO A 471 -5.60 -1.14 -26.05
CA PRO A 471 -6.16 -0.38 -27.17
C PRO A 471 -6.30 1.09 -26.79
N PRO A 472 -6.11 2.00 -27.77
CA PRO A 472 -6.23 3.43 -27.47
C PRO A 472 -7.66 3.83 -27.17
N SER A 473 -7.82 4.89 -26.38
CA SER A 473 -9.11 5.55 -26.14
C SER A 473 -10.27 4.64 -25.73
N GLN A 474 -10.04 3.87 -24.67
CA GLN A 474 -11.09 3.05 -24.08
C GLN A 474 -11.92 3.92 -23.14
N THR A 475 -12.78 4.72 -23.77
CA THR A 475 -13.63 5.70 -23.10
C THR A 475 -14.88 5.04 -22.52
N PRO A 476 -15.56 5.70 -21.56
CA PRO A 476 -16.74 5.08 -20.97
C PRO A 476 -17.94 5.07 -21.94
N LYS A 477 -18.88 4.16 -21.69
CA LYS A 477 -20.11 4.10 -22.48
C LYS A 477 -20.96 5.33 -22.13
N PRO A 478 -21.84 5.78 -23.06
CA PRO A 478 -22.70 6.93 -22.74
C PRO A 478 -23.47 6.70 -21.45
N GLY A 479 -23.55 7.73 -20.62
CA GLY A 479 -24.30 7.65 -19.36
C GLY A 479 -23.45 7.42 -18.11
N VAL A 480 -22.17 7.13 -18.29
CA VAL A 480 -21.24 6.95 -17.16
C VAL A 480 -20.62 8.30 -16.80
N PRO A 481 -20.65 8.68 -15.49
CA PRO A 481 -20.01 9.94 -15.06
C PRO A 481 -18.58 10.05 -15.59
N SER A 482 -18.32 11.15 -16.28
CA SER A 482 -17.07 11.35 -17.00
C SER A 482 -16.57 12.77 -16.77
N GLY A 483 -15.26 12.92 -16.65
CA GLY A 483 -14.65 14.22 -16.40
C GLY A 483 -13.38 14.47 -17.18
N THR A 484 -12.74 15.60 -16.90
CA THR A 484 -11.52 16.01 -17.60
C THR A 484 -10.28 15.30 -17.00
N PRO A 485 -9.21 15.15 -17.79
CA PRO A 485 -8.00 14.49 -17.28
C PRO A 485 -7.37 15.21 -16.08
N TYR A 486 -6.77 14.43 -15.18
CA TYR A 486 -6.05 14.98 -14.05
C TYR A 486 -4.90 15.89 -14.49
N THR A 487 -4.76 17.04 -13.83
CA THR A 487 -3.61 17.92 -14.00
C THR A 487 -2.95 18.15 -12.63
N PRO A 488 -1.62 17.95 -12.53
CA PRO A 488 -0.90 18.20 -11.26
C PRO A 488 -1.01 19.64 -10.81
N LEU A 489 -0.79 19.88 -9.52
CA LEU A 489 -0.68 21.24 -8.97
C LEU A 489 0.48 21.98 -9.63
N PRO A 490 0.33 23.29 -9.85
CA PRO A 490 1.40 24.04 -10.52
C PRO A 490 2.59 24.38 -9.61
N CYS A 491 3.79 24.41 -10.19
CA CYS A 491 4.97 24.90 -9.49
C CYS A 491 5.77 25.75 -10.44
N ALA A 492 6.74 26.51 -9.90
CA ALA A 492 7.76 27.15 -10.72
C ALA A 492 8.59 26.08 -11.42
N THR A 493 9.24 26.44 -12.52
CA THR A 493 10.20 25.54 -13.14
C THR A 493 11.54 25.80 -12.48
N PRO A 494 12.20 24.74 -11.96
CA PRO A 494 13.43 25.02 -11.22
C PRO A 494 14.58 25.32 -12.18
N THR A 495 15.62 25.99 -11.68
CA THR A 495 16.79 26.23 -12.51
C THR A 495 17.88 25.21 -12.20
N SER A 496 17.74 24.59 -11.03
CA SER A 496 18.69 23.62 -10.50
C SER A 496 17.95 22.38 -10.02
N VAL A 497 18.54 21.21 -10.24
CA VAL A 497 17.90 19.93 -9.86
C VAL A 497 18.91 19.13 -9.04
N ALA A 498 18.49 18.66 -7.87
CA ALA A 498 19.31 17.76 -7.06
C ALA A 498 19.26 16.39 -7.74
N VAL A 499 20.40 15.92 -8.23
CA VAL A 499 20.48 14.62 -8.91
C VAL A 499 21.19 13.62 -8.00
N THR A 500 20.45 12.63 -7.54
CA THR A 500 21.02 11.62 -6.67
C THR A 500 21.51 10.47 -7.55
N PHE A 501 22.82 10.32 -7.63
CA PHE A 501 23.41 9.18 -8.33
C PHE A 501 23.33 7.95 -7.45
N HIS A 502 22.78 6.88 -8.00
CA HIS A 502 22.38 5.72 -7.20
C HIS A 502 23.00 4.56 -7.98
N GLU A 503 24.18 4.12 -7.52
CA GLU A 503 25.02 3.20 -8.32
C GLU A 503 25.20 1.85 -7.64
N LEU A 504 24.91 0.76 -8.35
CA LEU A 504 25.20 -0.56 -7.82
C LEU A 504 26.55 -1.03 -8.36
N VAL A 505 27.52 -1.20 -7.47
CA VAL A 505 28.87 -1.60 -7.86
C VAL A 505 29.55 -2.29 -6.68
N SER A 506 29.96 -3.54 -6.91
CA SER A 506 30.63 -4.29 -5.86
C SER A 506 32.05 -3.76 -5.66
N THR A 507 32.38 -3.40 -4.43
CA THR A 507 33.69 -2.82 -4.14
C THR A 507 34.35 -3.61 -3.02
N GLN A 508 35.67 -3.46 -2.89
CA GLN A 508 36.43 -4.12 -1.82
C GLN A 508 36.88 -3.08 -0.81
N PHE A 509 37.24 -3.51 0.40
CA PHE A 509 37.66 -2.60 1.46
C PHE A 509 38.73 -1.62 0.97
N GLY A 510 38.57 -0.33 1.29
CA GLY A 510 39.55 0.68 0.89
C GLY A 510 39.31 1.32 -0.47
N GLN A 511 38.28 0.86 -1.17
CA GLN A 511 37.89 1.47 -2.44
C GLN A 511 36.77 2.50 -2.21
N THR A 512 36.78 3.55 -3.03
CA THR A 512 35.76 4.60 -2.97
C THR A 512 35.19 4.82 -4.37
N VAL A 513 33.87 4.95 -4.47
CA VAL A 513 33.29 5.21 -5.79
C VAL A 513 33.04 6.70 -5.90
N LYS A 514 33.39 7.27 -7.05
CA LYS A 514 33.10 8.68 -7.33
C LYS A 514 32.42 8.81 -8.68
N VAL A 515 31.78 9.95 -8.93
CA VAL A 515 31.23 10.20 -10.24
C VAL A 515 31.98 11.37 -10.89
N ALA A 516 32.45 11.14 -12.11
CA ALA A 516 33.24 12.13 -12.85
C ALA A 516 32.41 12.46 -14.06
N GLY A 517 32.46 13.71 -14.52
CA GLY A 517 31.66 14.09 -15.67
C GLY A 517 32.04 15.45 -16.21
N ASN A 518 31.37 15.84 -17.30
CA ASN A 518 31.77 17.04 -18.04
C ASN A 518 31.35 18.33 -17.39
N ALA A 519 30.27 18.31 -16.63
CA ALA A 519 29.79 19.51 -15.91
C ALA A 519 30.78 19.98 -14.84
N ALA A 520 30.77 21.28 -14.58
CA ALA A 520 31.66 21.87 -13.60
C ALA A 520 31.46 21.23 -12.22
N ALA A 521 30.20 21.01 -11.85
CA ALA A 521 29.84 20.38 -10.58
C ALA A 521 30.37 18.95 -10.48
N LEU A 522 30.56 18.30 -11.63
CA LEU A 522 31.07 16.92 -11.68
C LEU A 522 32.59 16.86 -11.88
N GLY A 523 33.21 18.03 -12.04
CA GLY A 523 34.66 18.17 -12.03
C GLY A 523 35.34 18.25 -13.38
N ASN A 524 34.55 18.33 -14.45
CA ASN A 524 35.09 18.40 -15.82
C ASN A 524 36.10 17.27 -16.13
N TRP A 525 35.74 16.06 -15.68
CA TRP A 525 36.50 14.83 -15.91
C TRP A 525 37.78 14.68 -15.09
N SER A 526 38.09 15.68 -14.27
CA SER A 526 39.19 15.57 -13.30
C SER A 526 38.86 14.56 -12.20
N THR A 527 39.73 13.56 -12.04
CA THR A 527 39.50 12.54 -11.02
C THR A 527 39.68 13.05 -9.60
N SER A 528 40.47 14.11 -9.44
CA SER A 528 40.63 14.75 -8.15
C SER A 528 39.38 15.56 -7.75
N ALA A 529 38.67 16.11 -8.73
CA ALA A 529 37.44 16.86 -8.47
C ALA A 529 36.15 16.04 -8.58
N ALA A 530 36.26 14.75 -8.90
CA ALA A 530 35.09 13.86 -8.99
C ALA A 530 34.33 13.85 -7.66
N VAL A 531 33.02 13.62 -7.71
CA VAL A 531 32.22 13.67 -6.50
C VAL A 531 32.15 12.31 -5.82
N ALA A 532 32.61 12.23 -4.58
CA ALA A 532 32.60 10.97 -3.84
C ALA A 532 31.16 10.59 -3.47
N LEU A 533 30.83 9.31 -3.66
CA LEU A 533 29.57 8.76 -3.20
C LEU A 533 29.77 8.16 -1.80
N ASP A 534 28.66 7.84 -1.13
CA ASP A 534 28.64 7.28 0.22
C ASP A 534 28.26 5.81 0.17
N ALA A 535 28.82 5.02 1.08
CA ALA A 535 28.46 3.60 1.18
C ALA A 535 27.47 3.35 2.33
N VAL A 536 26.74 4.39 2.71
CA VAL A 536 25.77 4.30 3.80
C VAL A 536 24.75 3.14 3.60
N ASN A 537 24.31 2.92 2.36
CA ASN A 537 23.34 1.85 2.09
C ASN A 537 23.98 0.56 1.54
N TYR A 538 25.31 0.48 1.61
CA TYR A 538 26.01 -0.64 0.98
C TYR A 538 25.79 -1.97 1.70
N ALA A 539 25.49 -3.04 0.95
CA ALA A 539 25.60 -4.43 1.44
C ALA A 539 26.26 -5.30 0.38
N ASP A 540 27.04 -6.30 0.80
CA ASP A 540 27.73 -7.18 -0.16
C ASP A 540 26.83 -7.72 -1.28
N ASN A 541 25.59 -8.08 -0.95
CA ASN A 541 24.65 -8.62 -1.96
C ASN A 541 23.66 -7.56 -2.46
N HIS A 542 23.87 -6.32 -2.05
CA HIS A 542 23.16 -5.19 -2.66
C HIS A 542 24.09 -3.97 -2.55
N PRO A 543 25.08 -3.90 -3.47
CA PRO A 543 26.25 -3.02 -3.34
C PRO A 543 26.00 -1.56 -3.79
N LEU A 544 25.13 -0.90 -3.05
CA LEU A 544 24.64 0.44 -3.38
C LEU A 544 25.53 1.55 -2.82
N TRP A 545 25.97 2.41 -3.73
CA TRP A 545 26.65 3.66 -3.43
C TRP A 545 25.78 4.82 -3.90
N ILE A 546 25.73 5.89 -3.12
CA ILE A 546 24.78 6.97 -3.37
C ILE A 546 25.36 8.35 -3.08
N GLY A 547 24.99 9.35 -3.87
CA GLY A 547 25.28 10.73 -3.49
C GLY A 547 24.60 11.68 -4.41
N THR A 548 24.55 12.94 -4.00
CA THR A 548 23.68 13.93 -4.62
C THR A 548 24.47 15.15 -5.06
N VAL A 549 24.20 15.61 -6.27
CA VAL A 549 24.87 16.79 -6.86
C VAL A 549 23.78 17.67 -7.44
N ASN A 550 23.91 18.98 -7.24
CA ASN A 550 23.03 19.92 -7.94
C ASN A 550 23.54 20.22 -9.33
N LEU A 551 22.68 20.01 -10.33
CA LEU A 551 23.00 20.26 -11.72
C LEU A 551 21.97 21.23 -12.31
N GLU A 552 22.37 21.94 -13.37
CA GLU A 552 21.51 22.93 -13.99
C GLU A 552 20.41 22.22 -14.77
N ALA A 553 19.17 22.64 -14.54
CA ALA A 553 18.04 22.05 -15.25
C ALA A 553 18.22 22.25 -16.75
N GLY A 554 17.89 21.23 -17.54
CA GLY A 554 18.03 21.32 -18.99
C GLY A 554 19.40 20.92 -19.53
N ASP A 555 20.40 20.92 -18.66
CA ASP A 555 21.80 20.62 -19.05
C ASP A 555 21.93 19.18 -19.54
N VAL A 556 22.73 18.97 -20.58
CA VAL A 556 23.04 17.62 -21.03
C VAL A 556 24.40 17.28 -20.46
N VAL A 557 24.42 16.28 -19.59
CA VAL A 557 25.64 15.91 -18.87
C VAL A 557 26.12 14.53 -19.34
N GLU A 558 27.44 14.36 -19.36
CA GLU A 558 28.06 13.09 -19.65
C GLU A 558 28.89 12.70 -18.46
N TYR A 559 28.85 11.43 -18.08
CA TYR A 559 29.54 11.01 -16.86
C TYR A 559 29.92 9.54 -16.87
N LYS A 560 30.81 9.19 -15.94
CA LYS A 560 31.18 7.80 -15.66
C LYS A 560 31.47 7.69 -14.20
N TYR A 561 31.24 6.50 -13.65
CA TYR A 561 31.69 6.22 -12.30
C TYR A 561 33.13 5.75 -12.33
N ILE A 562 33.87 6.10 -11.28
CA ILE A 562 35.24 5.61 -11.13
C ILE A 562 35.38 4.94 -9.79
N ASN A 563 36.25 3.94 -9.74
CA ASN A 563 36.62 3.24 -8.52
C ASN A 563 38.05 3.68 -8.18
N VAL A 564 38.22 4.26 -7.00
CA VAL A 564 39.50 4.81 -6.56
C VAL A 564 40.06 3.97 -5.42
N GLY A 565 41.28 3.46 -5.59
CA GLY A 565 41.88 2.56 -4.60
C GLY A 565 42.55 3.31 -3.45
N GLN A 566 42.97 2.57 -2.42
CA GLN A 566 43.75 3.13 -1.30
C GLN A 566 44.97 3.92 -1.80
N ASP A 567 45.61 3.37 -2.83
CA ASP A 567 46.85 3.92 -3.40
C ASP A 567 46.63 5.09 -4.36
N GLY A 568 45.37 5.50 -4.52
CA GLY A 568 45.03 6.60 -5.42
C GLY A 568 44.85 6.18 -6.87
N SER A 569 45.03 4.90 -7.19
CA SER A 569 44.84 4.40 -8.55
C SER A 569 43.37 4.46 -8.95
N VAL A 570 43.12 4.86 -10.19
CA VAL A 570 41.76 5.07 -10.69
C VAL A 570 41.37 4.01 -11.71
N THR A 571 40.19 3.43 -11.52
CA THR A 571 39.60 2.51 -12.48
C THR A 571 38.33 3.14 -13.02
N TRP A 572 38.28 3.35 -14.33
CA TRP A 572 37.08 3.88 -14.98
C TRP A 572 36.17 2.72 -15.35
N GLU A 573 34.86 2.91 -15.26
CA GLU A 573 33.96 1.89 -15.79
C GLU A 573 34.07 1.88 -17.31
N SER A 574 33.65 0.78 -17.93
CA SER A 574 33.79 0.65 -19.38
C SER A 574 32.90 1.63 -20.14
N ASP A 575 33.23 1.81 -21.42
CA ASP A 575 32.45 2.66 -22.32
C ASP A 575 31.06 2.08 -22.47
N PRO A 576 30.09 2.88 -22.94
CA PRO A 576 30.18 4.32 -23.25
C PRO A 576 29.91 5.22 -22.04
N ASN A 577 30.23 6.50 -22.16
CA ASN A 577 29.80 7.48 -21.17
C ASN A 577 28.29 7.38 -20.99
N HIS A 578 27.82 7.66 -19.77
CA HIS A 578 26.39 7.82 -19.57
C HIS A 578 26.02 9.19 -20.10
N THR A 579 24.87 9.31 -20.77
CA THR A 579 24.39 10.62 -21.22
C THR A 579 23.06 10.90 -20.55
N TYR A 580 22.96 12.05 -19.90
CA TYR A 580 21.78 12.34 -19.11
C TYR A 580 21.36 13.80 -19.33
N THR A 581 20.11 13.97 -19.75
CA THR A 581 19.55 15.32 -19.81
C THR A 581 18.80 15.62 -18.50
N VAL A 582 19.31 16.60 -17.76
CA VAL A 582 18.71 17.02 -16.49
C VAL A 582 17.33 17.62 -16.79
N PRO A 583 16.26 17.05 -16.18
CA PRO A 583 14.92 17.56 -16.49
C PRO A 583 14.76 19.04 -16.16
N ALA A 584 13.92 19.71 -16.94
CA ALA A 584 13.52 21.07 -16.64
C ALA A 584 11.99 21.06 -16.64
N VAL A 585 11.42 20.48 -15.58
CA VAL A 585 9.98 20.26 -15.52
C VAL A 585 9.47 20.88 -14.23
N ALA A 586 8.37 21.64 -14.33
CA ALA A 586 7.77 22.25 -13.16
C ALA A 586 7.58 21.17 -12.08
N CYS A 587 7.97 21.49 -10.85
CA CYS A 587 7.78 20.59 -9.66
C CYS A 587 8.84 19.51 -9.49
N VAL A 588 9.70 19.29 -10.49
CA VAL A 588 10.72 18.23 -10.41
C VAL A 588 12.04 18.83 -9.95
N THR A 589 12.30 18.76 -8.65
CA THR A 589 13.44 19.43 -8.05
C THR A 589 14.51 18.45 -7.57
N GLN A 590 14.14 17.17 -7.53
CA GLN A 590 15.05 16.11 -7.12
C GLN A 590 14.74 14.86 -7.90
N VAL A 591 15.78 14.24 -8.46
CA VAL A 591 15.60 13.01 -9.23
C VAL A 591 16.62 11.99 -8.76
N VAL A 592 16.35 10.71 -9.02
CA VAL A 592 17.31 9.66 -8.67
C VAL A 592 17.70 8.96 -9.98
N LYS A 593 18.99 8.84 -10.21
CA LYS A 593 19.47 8.19 -11.41
C LYS A 593 19.99 6.81 -11.00
N GLU A 594 19.29 5.76 -11.42
CA GLU A 594 19.64 4.41 -10.99
C GLU A 594 20.53 3.72 -12.02
N ASP A 595 21.80 3.54 -11.65
CA ASP A 595 22.81 2.99 -12.55
C ASP A 595 23.36 1.69 -11.99
N THR A 596 23.99 0.91 -12.88
CA THR A 596 24.73 -0.30 -12.49
C THR A 596 26.06 -0.26 -13.23
N TRP A 597 27.13 -0.60 -12.50
CA TRP A 597 28.52 -0.52 -13.01
C TRP A 597 28.66 -1.22 -14.35
N GLN A 598 29.26 -0.52 -15.30
CA GLN A 598 29.47 -1.03 -16.64
C GLN A 598 30.77 -1.83 -16.69
N SER A 599 30.62 -3.15 -16.84
CA SER A 599 31.76 -4.08 -16.83
C SER A 599 32.37 -4.26 -18.21
#